data_6FIE
#
_entry.id   6FIE
#
_cell.length_a   84.617
_cell.length_b   104.222
_cell.length_c   29.614
_cell.angle_alpha   90.00
_cell.angle_beta   90.00
_cell.angle_gamma   90.00
#
_symmetry.space_group_name_H-M   'P 21 21 2'
#
loop_
_entity.id
_entity.type
_entity.pdbx_description
1 polymer Calbindin
2 non-polymer 'CALCIUM ION'
3 non-polymer 'THIOCYANATE ION'
4 water water
#
_entity_poly.entity_id   1
_entity_poly.type   'polypeptide(L)'
_entity_poly.pdbx_seq_one_letter_code
;GPHMAESHLQSSLITASQFFEIWLHFDADGSGYLEGKELQNLIQELQQARKKAGLELSPEMKTFVDQYGQRDDGKIGIVE
LAHVLPTEENFLLLFRCQQLKSCEEFMKTWRKYDTDHSGFIETEELKNFLKDLLEKANKTVDDTKLAEYTDLMLKLFDSN
NDGKLELTEMARLLPVQENFLLKFQGIKMCGKEFNKAFELYDQDGNGYIDENELDALLKDLCEKNKQDLDINNITTYKKN
IMALSDGGKLYRTDLALILCAGDN
;
_entity_poly.pdbx_strand_id   B
#
# COMPACT_ATOMS: atom_id res chain seq x y z
N GLY A 1 14.70 -19.34 1.27
CA GLY A 1 14.92 -18.24 0.35
C GLY A 1 13.97 -18.25 -0.82
N PRO A 2 14.07 -17.29 -1.78
CA PRO A 2 13.12 -17.31 -2.91
C PRO A 2 13.12 -18.60 -3.75
N HIS A 3 14.23 -19.37 -3.75
CA HIS A 3 14.32 -20.64 -4.46
C HIS A 3 13.29 -21.64 -3.89
N MET A 4 13.03 -21.60 -2.58
CA MET A 4 12.10 -22.52 -1.94
C MET A 4 10.64 -22.34 -2.39
N ALA A 5 10.28 -21.30 -3.20
CA ALA A 5 8.89 -21.04 -3.63
C ALA A 5 8.23 -22.24 -4.30
N GLU A 6 8.98 -22.97 -5.13
CA GLU A 6 8.48 -24.17 -5.83
C GLU A 6 7.94 -25.17 -4.82
N SER A 7 8.67 -25.36 -3.73
CA SER A 7 8.24 -26.23 -2.66
C SER A 7 6.99 -25.60 -1.99
N HIS A 8 7.03 -24.29 -1.72
CA HIS A 8 5.92 -23.59 -1.01
C HIS A 8 4.56 -23.63 -1.68
N LEU A 9 4.49 -23.56 -3.00
CA LEU A 9 3.23 -23.59 -3.71
C LEU A 9 2.50 -24.93 -3.58
N GLN A 10 3.20 -25.95 -3.07
CA GLN A 10 2.60 -27.27 -2.85
C GLN A 10 2.05 -27.43 -1.44
N SER A 11 2.27 -26.45 -0.57
CA SER A 11 1.87 -26.52 0.82
C SER A 11 0.39 -26.41 1.01
N SER A 12 -0.11 -27.04 2.10
CA SER A 12 -1.50 -27.00 2.48
C SER A 12 -1.88 -25.58 2.92
N LEU A 13 -1.01 -24.99 3.72
CA LEU A 13 -1.16 -23.62 4.20
C LEU A 13 0.24 -23.02 4.09
N ILE A 14 0.28 -21.74 3.72
N ILE A 14 0.33 -21.77 3.64
CA ILE A 14 1.50 -20.98 3.44
CA ILE A 14 1.64 -21.13 3.56
C ILE A 14 1.76 -19.98 4.56
C ILE A 14 1.76 -20.09 4.65
N THR A 15 2.92 -20.05 5.24
CA THR A 15 3.23 -19.11 6.33
C THR A 15 3.54 -17.75 5.71
N ALA A 16 3.54 -16.73 6.53
CA ALA A 16 3.85 -15.40 6.01
C ALA A 16 5.28 -15.39 5.40
N SER A 17 6.25 -16.07 6.04
CA SER A 17 7.63 -16.11 5.52
C SER A 17 7.64 -16.82 4.16
N GLN A 18 6.83 -17.89 4.02
CA GLN A 18 6.70 -18.58 2.74
C GLN A 18 6.07 -17.69 1.68
N PHE A 19 5.05 -16.94 2.03
CA PHE A 19 4.43 -16.03 1.08
C PHE A 19 5.47 -14.98 0.60
N PHE A 20 6.27 -14.51 1.54
CA PHE A 20 7.34 -13.56 1.20
C PHE A 20 8.32 -14.20 0.23
N GLU A 21 8.71 -15.47 0.43
CA GLU A 21 9.67 -16.15 -0.49
C GLU A 21 9.04 -16.35 -1.88
N ILE A 22 7.70 -16.60 -1.94
CA ILE A 22 6.97 -16.73 -3.19
C ILE A 22 7.02 -15.41 -3.94
N TRP A 23 6.70 -14.31 -3.24
CA TRP A 23 6.74 -13.00 -3.87
C TRP A 23 8.11 -12.69 -4.47
N LEU A 24 9.20 -12.87 -3.69
CA LEU A 24 10.57 -12.59 -4.17
C LEU A 24 10.97 -13.54 -5.32
N HIS A 25 10.46 -14.79 -5.33
CA HIS A 25 10.78 -15.73 -6.41
C HIS A 25 10.29 -15.25 -7.74
N PHE A 26 9.04 -14.79 -7.80
CA PHE A 26 8.45 -14.35 -9.06
C PHE A 26 8.77 -12.91 -9.42
N ASP A 27 8.77 -11.99 -8.45
CA ASP A 27 9.04 -10.56 -8.71
C ASP A 27 10.53 -10.33 -8.96
N ALA A 28 10.98 -10.70 -10.16
CA ALA A 28 12.40 -10.63 -10.54
C ALA A 28 13.01 -9.22 -10.57
N ASP A 29 12.19 -8.19 -10.85
CA ASP A 29 12.67 -6.79 -10.89
C ASP A 29 12.43 -6.04 -9.56
N GLY A 30 11.81 -6.71 -8.57
CA GLY A 30 11.46 -6.11 -7.30
C GLY A 30 10.55 -4.90 -7.43
N SER A 31 9.72 -4.87 -8.50
CA SER A 31 8.85 -3.73 -8.79
C SER A 31 7.62 -3.65 -7.92
N GLY A 32 7.32 -4.70 -7.15
CA GLY A 32 6.10 -4.75 -6.34
C GLY A 32 4.87 -5.23 -7.10
N TYR A 33 5.00 -5.65 -8.37
N TYR A 33 5.02 -5.68 -8.36
CA TYR A 33 3.89 -6.22 -9.14
CA TYR A 33 3.91 -6.18 -9.18
C TYR A 33 4.41 -7.32 -10.05
C TYR A 33 4.40 -7.30 -10.11
N LEU A 34 3.56 -8.33 -10.33
CA LEU A 34 3.90 -9.44 -11.25
C LEU A 34 3.24 -9.10 -12.58
N GLU A 35 4.02 -9.06 -13.66
CA GLU A 35 3.47 -8.79 -14.99
C GLU A 35 4.30 -9.51 -16.03
N GLY A 36 3.73 -9.70 -17.21
CA GLY A 36 4.41 -10.36 -18.32
C GLY A 36 4.91 -11.76 -17.99
N LYS A 37 6.21 -11.98 -18.16
CA LYS A 37 6.86 -13.28 -17.90
C LYS A 37 6.76 -13.71 -16.43
N GLU A 38 6.78 -12.76 -15.49
CA GLU A 38 6.69 -13.06 -14.06
C GLU A 38 5.33 -13.67 -13.70
N LEU A 39 4.26 -13.10 -14.25
CA LEU A 39 2.88 -13.57 -14.00
C LEU A 39 2.65 -14.93 -14.70
N GLN A 40 3.14 -15.07 -15.95
CA GLN A 40 3.04 -16.35 -16.69
C GLN A 40 3.76 -17.48 -15.91
N ASN A 41 4.93 -17.14 -15.32
CA ASN A 41 5.71 -18.09 -14.51
C ASN A 41 4.90 -18.55 -13.29
N LEU A 42 4.19 -17.62 -12.62
CA LEU A 42 3.34 -17.95 -11.46
C LEU A 42 2.17 -18.86 -11.87
N ILE A 43 1.46 -18.53 -12.96
CA ILE A 43 0.31 -19.29 -13.45
C ILE A 43 0.73 -20.73 -13.75
N GLN A 44 1.87 -20.90 -14.43
CA GLN A 44 2.39 -22.23 -14.75
C GLN A 44 2.84 -22.94 -13.46
N GLU A 45 3.66 -22.31 -12.61
CA GLU A 45 4.18 -22.96 -11.39
C GLU A 45 3.10 -23.25 -10.33
N LEU A 46 2.06 -22.42 -10.18
CA LEU A 46 0.99 -22.66 -9.21
C LEU A 46 0.22 -23.93 -9.57
N GLN A 47 -0.13 -24.10 -10.86
CA GLN A 47 -0.86 -25.27 -11.34
C GLN A 47 0.00 -26.54 -11.28
N GLN A 48 1.28 -26.44 -11.65
CA GLN A 48 2.20 -27.57 -11.58
C GLN A 48 2.43 -28.00 -10.13
N ALA A 49 2.44 -27.04 -9.19
CA ALA A 49 2.69 -27.31 -7.79
C ALA A 49 1.51 -28.03 -7.15
N ARG A 50 0.29 -27.53 -7.37
CA ARG A 50 -0.89 -28.24 -6.81
C ARG A 50 -1.00 -29.66 -7.40
N LYS A 51 -0.64 -29.86 -8.68
CA LYS A 51 -0.63 -31.16 -9.34
C LYS A 51 0.40 -32.09 -8.70
N LYS A 52 1.64 -31.59 -8.47
CA LYS A 52 2.71 -32.37 -7.82
C LYS A 52 2.33 -32.77 -6.40
N ALA A 53 1.52 -31.91 -5.73
CA ALA A 53 1.04 -32.14 -4.38
C ALA A 53 -0.16 -33.07 -4.34
N GLY A 54 -0.73 -33.37 -5.50
CA GLY A 54 -1.90 -34.22 -5.62
C GLY A 54 -3.14 -33.51 -5.18
N LEU A 55 -3.12 -32.17 -5.29
CA LEU A 55 -4.22 -31.35 -4.85
C LEU A 55 -4.95 -30.71 -6.00
N GLU A 56 -6.18 -30.30 -5.71
CA GLU A 56 -7.00 -29.56 -6.65
C GLU A 56 -6.71 -28.07 -6.48
N LEU A 57 -7.12 -27.26 -7.46
CA LEU A 57 -7.01 -25.82 -7.33
C LEU A 57 -8.16 -25.39 -6.45
N SER A 58 -7.92 -24.52 -5.46
CA SER A 58 -9.00 -24.01 -4.61
C SER A 58 -9.89 -23.10 -5.49
N PRO A 59 -11.12 -22.75 -5.07
CA PRO A 59 -11.95 -21.86 -5.91
C PRO A 59 -11.28 -20.53 -6.29
N GLU A 60 -10.49 -19.95 -5.38
CA GLU A 60 -9.77 -18.69 -5.62
C GLU A 60 -8.66 -18.85 -6.65
N MET A 61 -7.99 -20.03 -6.68
CA MET A 61 -6.92 -20.32 -7.65
C MET A 61 -7.51 -20.49 -9.05
N LYS A 62 -8.71 -21.11 -9.15
CA LYS A 62 -9.41 -21.29 -10.43
C LYS A 62 -9.81 -19.95 -11.01
N THR A 63 -10.45 -19.10 -10.19
CA THR A 63 -10.86 -17.75 -10.57
C THR A 63 -9.66 -16.88 -11.00
N PHE A 64 -8.50 -17.02 -10.33
CA PHE A 64 -7.29 -16.26 -10.67
C PHE A 64 -6.72 -16.71 -12.02
N VAL A 65 -6.55 -18.03 -12.21
CA VAL A 65 -6.02 -18.58 -13.46
C VAL A 65 -6.94 -18.26 -14.64
N ASP A 66 -8.26 -18.31 -14.42
CA ASP A 66 -9.24 -18.00 -15.46
C ASP A 66 -9.12 -16.53 -15.90
N GLN A 67 -9.04 -15.61 -14.92
CA GLN A 67 -8.94 -14.17 -15.18
C GLN A 67 -7.49 -13.68 -15.21
N TYR A 68 -6.52 -14.48 -15.74
CA TYR A 68 -5.17 -13.96 -16.00
C TYR A 68 -4.34 -14.91 -16.88
N LYS A 75 -1.65 -7.31 -14.44
CA LYS A 75 -0.70 -6.72 -13.51
C LYS A 75 -1.29 -6.89 -12.12
N ILE A 76 -0.71 -7.77 -11.27
CA ILE A 76 -1.26 -7.99 -9.91
C ILE A 76 -0.20 -7.72 -8.84
N GLY A 77 -0.67 -7.26 -7.68
CA GLY A 77 0.20 -6.87 -6.58
C GLY A 77 0.30 -7.91 -5.49
N ILE A 78 0.90 -7.50 -4.36
CA ILE A 78 1.09 -8.36 -3.20
C ILE A 78 -0.25 -8.73 -2.55
N VAL A 79 -1.15 -7.75 -2.38
CA VAL A 79 -2.45 -8.02 -1.73
C VAL A 79 -3.28 -9.03 -2.50
N GLU A 80 -3.34 -8.91 -3.84
CA GLU A 80 -4.12 -9.83 -4.65
C GLU A 80 -3.56 -11.24 -4.52
N LEU A 81 -2.22 -11.38 -4.53
CA LEU A 81 -1.67 -12.72 -4.40
C LEU A 81 -2.00 -13.37 -3.04
N ALA A 82 -2.00 -12.59 -1.93
CA ALA A 82 -2.29 -13.13 -0.58
C ALA A 82 -3.68 -13.78 -0.46
N HIS A 83 -4.66 -13.29 -1.22
CA HIS A 83 -6.02 -13.82 -1.21
C HIS A 83 -6.16 -15.07 -2.10
N VAL A 84 -5.35 -15.21 -3.17
CA VAL A 84 -5.41 -16.35 -4.07
C VAL A 84 -4.80 -17.60 -3.42
N LEU A 85 -3.70 -17.42 -2.70
CA LEU A 85 -2.96 -18.51 -2.08
C LEU A 85 -3.53 -18.87 -0.70
N PRO A 86 -3.22 -20.09 -0.19
CA PRO A 86 -3.72 -20.47 1.14
C PRO A 86 -2.87 -19.90 2.26
N THR A 87 -2.88 -18.55 2.33
CA THR A 87 -2.09 -17.81 3.29
C THR A 87 -2.60 -18.03 4.67
N GLU A 88 -1.69 -18.18 5.64
CA GLU A 88 -2.04 -18.37 7.04
C GLU A 88 -3.00 -17.27 7.50
N GLU A 89 -3.98 -17.67 8.27
CA GLU A 89 -5.10 -16.83 8.65
C GLU A 89 -4.73 -15.46 9.19
N ASN A 90 -3.88 -15.43 10.24
CA ASN A 90 -3.57 -14.16 10.92
C ASN A 90 -2.81 -13.20 10.00
N PHE A 91 -2.08 -13.69 8.98
CA PHE A 91 -1.42 -12.79 8.04
C PHE A 91 -2.41 -12.28 7.01
N LEU A 92 -3.31 -13.15 6.51
CA LEU A 92 -4.28 -12.75 5.51
C LEU A 92 -5.26 -11.69 6.13
N LEU A 93 -5.58 -11.80 7.43
CA LEU A 93 -6.47 -10.84 8.13
C LEU A 93 -5.95 -9.40 8.04
N LEU A 94 -4.62 -9.22 7.93
CA LEU A 94 -3.94 -7.92 7.81
C LEU A 94 -4.23 -7.21 6.47
N PHE A 95 -4.85 -7.92 5.50
CA PHE A 95 -5.25 -7.40 4.20
C PHE A 95 -6.80 -7.36 4.01
N ARG A 96 -7.61 -7.63 5.07
CA ARG A 96 -9.09 -7.64 5.02
C ARG A 96 -9.67 -6.49 5.90
N CYS A 97 -9.01 -5.33 5.83
CA CYS A 97 -9.24 -4.11 6.64
C CYS A 97 -9.91 -3.04 5.78
N GLN A 98 -11.01 -2.39 6.24
CA GLN A 98 -11.59 -1.27 5.47
C GLN A 98 -10.57 -0.12 5.39
N GLN A 99 -9.65 -0.04 6.39
CA GLN A 99 -8.57 0.96 6.39
C GLN A 99 -7.59 0.77 5.21
N LEU A 100 -7.61 -0.38 4.53
CA LEU A 100 -6.76 -0.64 3.35
C LEU A 100 -7.60 -0.82 2.07
N LYS A 101 -8.92 -0.55 2.11
CA LYS A 101 -9.81 -0.68 0.94
C LYS A 101 -10.32 0.67 0.43
N SER A 102 -10.38 1.70 1.29
CA SER A 102 -10.84 3.05 0.94
C SER A 102 -9.66 3.99 1.09
N CYS A 103 -9.40 4.83 0.08
CA CYS A 103 -8.27 5.77 0.20
C CYS A 103 -8.51 6.76 1.32
N GLU A 104 -9.74 7.25 1.46
CA GLU A 104 -10.07 8.18 2.51
C GLU A 104 -9.81 7.59 3.91
N GLU A 105 -10.24 6.32 4.15
CA GLU A 105 -10.00 5.69 5.45
C GLU A 105 -8.51 5.36 5.66
N PHE A 106 -7.78 5.05 4.58
CA PHE A 106 -6.33 4.81 4.67
C PHE A 106 -5.62 6.13 5.09
N MET A 107 -6.05 7.26 4.55
CA MET A 107 -5.41 8.53 4.92
C MET A 107 -5.62 8.84 6.42
N LYS A 108 -6.81 8.56 6.96
CA LYS A 108 -7.07 8.73 8.37
C LYS A 108 -6.20 7.75 9.22
N THR A 109 -5.99 6.52 8.70
CA THR A 109 -5.19 5.52 9.39
C THR A 109 -3.74 5.95 9.46
N TRP A 110 -3.24 6.51 8.36
CA TRP A 110 -1.87 7.01 8.34
C TRP A 110 -1.72 8.06 9.45
N ARG A 111 -2.62 9.09 9.46
CA ARG A 111 -2.56 10.14 10.49
C ARG A 111 -2.66 9.53 11.93
N LYS A 112 -3.50 8.51 12.12
CA LYS A 112 -3.67 7.91 13.42
C LYS A 112 -2.41 7.21 13.91
N TYR A 113 -1.76 6.46 13.02
CA TYR A 113 -0.64 5.65 13.44
C TYR A 113 0.74 6.29 13.37
N ASP A 114 0.88 7.46 12.70
CA ASP A 114 2.14 8.23 12.76
C ASP A 114 2.11 9.05 14.06
N THR A 115 2.25 8.37 15.20
CA THR A 115 2.04 8.98 16.50
C THR A 115 3.15 9.90 16.93
N ASP A 116 4.34 9.85 16.30
CA ASP A 116 5.39 10.77 16.64
C ASP A 116 5.49 11.92 15.61
N HIS A 117 4.56 12.00 14.67
CA HIS A 117 4.48 13.06 13.67
C HIS A 117 5.77 13.12 12.89
N SER A 118 6.38 11.96 12.59
CA SER A 118 7.65 11.97 11.82
C SER A 118 7.48 12.07 10.33
N GLY A 119 6.27 11.83 9.86
CA GLY A 119 5.99 11.77 8.43
C GLY A 119 6.31 10.43 7.82
N PHE A 120 6.58 9.44 8.64
CA PHE A 120 6.79 8.05 8.19
C PHE A 120 6.18 7.12 9.21
N ILE A 121 5.85 5.91 8.78
CA ILE A 121 5.43 4.83 9.67
C ILE A 121 6.66 3.96 9.94
N GLU A 122 7.20 4.05 11.15
CA GLU A 122 8.36 3.26 11.61
C GLU A 122 7.89 1.88 12.11
N THR A 123 8.81 0.95 12.34
CA THR A 123 8.50 -0.43 12.71
C THR A 123 7.53 -0.55 13.86
N GLU A 124 7.77 0.20 14.94
CA GLU A 124 6.90 0.09 16.13
C GLU A 124 5.49 0.58 15.85
N GLU A 125 5.34 1.59 14.98
CA GLU A 125 4.03 2.10 14.61
C GLU A 125 3.29 1.07 13.71
N LEU A 126 4.03 0.45 12.81
CA LEU A 126 3.46 -0.55 11.94
C LEU A 126 3.00 -1.76 12.80
N LYS A 127 3.83 -2.14 13.76
CA LYS A 127 3.49 -3.21 14.71
C LYS A 127 2.20 -2.90 15.44
N ASN A 128 2.05 -1.66 15.94
CA ASN A 128 0.82 -1.25 16.64
C ASN A 128 -0.39 -1.33 15.73
N PHE A 129 -0.27 -0.97 14.45
CA PHE A 129 -1.36 -1.02 13.48
C PHE A 129 -1.76 -2.47 13.27
N LEU A 130 -0.79 -3.33 13.03
CA LEU A 130 -1.10 -4.74 12.78
C LEU A 130 -1.69 -5.40 14.02
N LYS A 131 -1.17 -5.12 15.21
CA LYS A 131 -1.72 -5.64 16.47
C LYS A 131 -3.18 -5.20 16.61
N ASP A 132 -3.46 -3.92 16.30
CA ASP A 132 -4.86 -3.45 16.40
C ASP A 132 -5.80 -4.13 15.42
N LEU A 133 -5.33 -4.47 14.21
CA LEU A 133 -6.13 -5.15 13.21
C LEU A 133 -6.45 -6.54 13.72
N LEU A 134 -5.46 -7.23 14.27
CA LEU A 134 -5.67 -8.57 14.79
C LEU A 134 -6.63 -8.59 15.97
N GLU A 135 -6.50 -7.62 16.87
CA GLU A 135 -7.37 -7.54 18.04
C GLU A 135 -8.78 -7.20 17.64
N LYS A 136 -8.98 -6.38 16.59
CA LYS A 136 -10.30 -6.02 16.04
C LYS A 136 -11.00 -7.28 15.52
N ALA A 137 -10.23 -8.25 14.95
CA ALA A 137 -10.71 -9.54 14.50
C ALA A 137 -10.81 -10.58 15.67
N ASN A 138 -10.65 -10.15 16.92
CA ASN A 138 -10.71 -10.99 18.11
C ASN A 138 -9.58 -12.02 18.21
N LYS A 139 -8.42 -11.76 17.56
CA LYS A 139 -7.30 -12.73 17.61
C LYS A 139 -6.35 -12.34 18.71
N THR A 140 -5.83 -13.33 19.45
CA THR A 140 -4.90 -13.11 20.54
C THR A 140 -3.53 -13.01 19.93
N VAL A 141 -2.89 -11.84 20.06
CA VAL A 141 -1.58 -11.62 19.43
C VAL A 141 -0.43 -12.33 20.19
N ASP A 142 0.40 -13.08 19.44
CA ASP A 142 1.61 -13.74 19.92
C ASP A 142 2.77 -12.83 19.48
N ASP A 143 3.52 -12.24 20.43
CA ASP A 143 4.61 -11.27 20.17
C ASP A 143 5.64 -11.70 19.12
N THR A 144 5.97 -13.00 19.05
CA THR A 144 6.96 -13.53 18.09
C THR A 144 6.42 -13.48 16.67
N LYS A 145 5.22 -14.01 16.44
CA LYS A 145 4.62 -13.96 15.11
C LYS A 145 4.33 -12.52 14.72
N LEU A 146 3.91 -11.66 15.67
CA LEU A 146 3.61 -10.28 15.33
C LEU A 146 4.88 -9.56 14.88
N ALA A 147 5.98 -9.79 15.57
CA ALA A 147 7.30 -9.25 15.14
C ALA A 147 7.66 -9.76 13.74
N GLU A 148 7.42 -11.06 13.48
CA GLU A 148 7.70 -11.61 12.15
C GLU A 148 6.78 -10.97 11.09
N TYR A 149 5.48 -10.84 11.37
CA TYR A 149 4.57 -10.24 10.40
C TYR A 149 4.97 -8.80 10.09
N THR A 150 5.36 -8.04 11.10
CA THR A 150 5.74 -6.63 10.95
C THR A 150 6.99 -6.54 10.09
N ASP A 151 8.00 -7.37 10.43
CA ASP A 151 9.24 -7.40 9.66
C ASP A 151 9.00 -7.71 8.16
N LEU A 152 8.13 -8.72 7.89
CA LEU A 152 7.82 -9.08 6.51
C LEU A 152 7.00 -8.02 5.78
N MET A 153 6.05 -7.38 6.50
CA MET A 153 5.25 -6.35 5.85
C MET A 153 6.13 -5.14 5.49
N LEU A 154 7.07 -4.77 6.36
CA LEU A 154 8.01 -3.70 6.06
C LEU A 154 8.87 -4.05 4.85
N LYS A 155 9.48 -5.24 4.83
CA LYS A 155 10.30 -5.66 3.68
C LYS A 155 9.50 -5.69 2.35
N LEU A 156 8.23 -6.11 2.41
CA LEU A 156 7.39 -6.16 1.23
C LEU A 156 7.12 -4.80 0.66
N PHE A 157 6.85 -3.82 1.53
CA PHE A 157 6.40 -2.50 1.08
C PHE A 157 7.44 -1.37 1.16
N ASP A 158 8.59 -1.55 1.80
CA ASP A 158 9.62 -0.51 1.92
C ASP A 158 10.45 -0.43 0.63
N SER A 159 9.86 0.11 -0.41
CA SER A 159 10.43 0.23 -1.77
C SER A 159 11.82 0.83 -1.81
N ASN A 160 12.11 1.87 -1.00
CA ASN A 160 13.44 2.49 -1.03
C ASN A 160 14.42 1.93 -0.02
N ASN A 161 14.04 0.89 0.74
CA ASN A 161 14.86 0.22 1.72
C ASN A 161 15.50 1.16 2.76
N ASP A 162 14.73 2.14 3.24
CA ASP A 162 15.21 3.03 4.32
C ASP A 162 14.76 2.55 5.74
N GLY A 163 14.09 1.39 5.81
CA GLY A 163 13.69 0.80 7.08
C GLY A 163 12.41 1.33 7.68
N LYS A 164 11.66 2.09 6.91
CA LYS A 164 10.38 2.70 7.33
C LYS A 164 9.51 2.97 6.12
N LEU A 165 8.20 3.15 6.34
CA LEU A 165 7.26 3.34 5.28
C LEU A 165 6.90 4.79 5.12
N GLU A 166 6.86 5.30 3.88
CA GLU A 166 6.36 6.61 3.53
C GLU A 166 4.96 6.38 2.94
N LEU A 167 4.18 7.42 2.88
CA LEU A 167 2.79 7.36 2.48
C LEU A 167 2.59 6.61 1.16
N THR A 168 3.41 6.91 0.14
CA THR A 168 3.23 6.26 -1.17
C THR A 168 3.54 4.78 -1.13
N GLU A 169 4.47 4.36 -0.24
CA GLU A 169 4.79 2.94 -0.08
C GLU A 169 3.63 2.16 0.54
N MET A 170 3.17 2.62 1.72
CA MET A 170 2.04 1.99 2.38
C MET A 170 0.72 2.05 1.57
N ALA A 171 0.54 3.05 0.72
CA ALA A 171 -0.67 3.20 -0.08
C ALA A 171 -0.82 2.08 -1.08
N ARG A 172 0.25 1.38 -1.42
CA ARG A 172 0.15 0.24 -2.35
C ARG A 172 -0.56 -0.97 -1.74
N LEU A 173 -0.99 -0.89 -0.45
CA LEU A 173 -1.88 -1.90 0.15
C LEU A 173 -3.29 -1.67 -0.41
N LEU A 174 -3.57 -0.48 -1.00
CA LEU A 174 -4.88 -0.14 -1.55
C LEU A 174 -5.07 -0.79 -2.90
N PRO A 175 -6.33 -0.97 -3.36
CA PRO A 175 -6.55 -1.42 -4.75
C PRO A 175 -6.13 -0.31 -5.73
N VAL A 176 -5.73 -0.68 -6.97
CA VAL A 176 -5.28 0.30 -7.98
C VAL A 176 -6.27 1.46 -8.18
N GLN A 177 -7.58 1.17 -8.22
CA GLN A 177 -8.62 2.18 -8.41
C GLN A 177 -8.72 3.26 -7.31
N GLU A 178 -8.39 2.93 -6.05
CA GLU A 178 -8.47 3.88 -4.94
C GLU A 178 -7.15 4.65 -4.71
N ASN A 179 -6.01 4.07 -5.08
CA ASN A 179 -4.72 4.72 -4.89
C ASN A 179 -4.49 5.88 -5.85
N PHE A 180 -5.00 7.06 -5.48
CA PHE A 180 -4.81 8.27 -6.27
C PHE A 180 -3.34 8.74 -6.27
N LEU A 181 -2.52 8.29 -5.32
CA LEU A 181 -1.13 8.73 -5.24
C LEU A 181 -0.27 8.21 -6.39
N LEU A 182 -0.74 7.17 -7.11
CA LEU A 182 -0.02 6.69 -8.31
C LEU A 182 0.00 7.80 -9.38
N LYS A 183 -1.05 8.63 -9.44
CA LYS A 183 -1.14 9.73 -10.39
C LYS A 183 -0.28 10.94 -9.97
N PHE A 184 0.06 11.05 -8.67
CA PHE A 184 0.87 12.16 -8.13
C PHE A 184 2.38 11.87 -8.12
N GLN A 185 2.82 10.70 -8.62
CA GLN A 185 4.24 10.29 -8.61
C GLN A 185 5.20 11.34 -9.18
N GLY A 186 4.97 11.77 -10.42
CA GLY A 186 5.80 12.74 -11.11
C GLY A 186 5.45 14.20 -10.89
N ILE A 187 4.58 14.48 -9.88
CA ILE A 187 4.16 15.82 -9.49
C ILE A 187 4.95 16.27 -8.26
N LYS A 188 5.53 15.33 -7.50
CA LYS A 188 6.25 15.67 -6.27
C LYS A 188 7.41 16.63 -6.54
N MET A 189 7.55 17.64 -5.67
CA MET A 189 8.52 18.71 -5.76
C MET A 189 9.60 18.61 -4.66
N CYS A 190 10.73 19.34 -4.84
CA CYS A 190 11.76 19.41 -3.81
C CYS A 190 11.26 20.37 -2.72
N GLY A 191 11.93 20.38 -1.56
CA GLY A 191 11.55 21.19 -0.42
C GLY A 191 11.36 22.67 -0.74
N LYS A 192 12.34 23.30 -1.41
CA LYS A 192 12.28 24.72 -1.75
C LYS A 192 11.07 25.11 -2.60
N GLU A 193 10.88 24.41 -3.73
CA GLU A 193 9.76 24.59 -4.68
C GLU A 193 8.42 24.31 -4.00
N PHE A 194 8.39 23.24 -3.16
CA PHE A 194 7.17 22.92 -2.43
C PHE A 194 6.82 24.09 -1.47
N ASN A 195 7.83 24.61 -0.75
CA ASN A 195 7.59 25.69 0.22
C ASN A 195 7.05 26.93 -0.50
N LYS A 196 7.51 27.18 -1.73
CA LYS A 196 7.04 28.32 -2.55
C LYS A 196 5.56 28.12 -2.96
N ALA A 197 5.18 26.88 -3.33
CA ALA A 197 3.80 26.55 -3.67
C ALA A 197 2.91 26.66 -2.44
N PHE A 198 3.38 26.16 -1.29
CA PHE A 198 2.55 26.28 -0.08
C PHE A 198 2.21 27.75 0.25
N GLU A 199 3.19 28.63 0.15
CA GLU A 199 3.02 30.05 0.44
C GLU A 199 2.08 30.70 -0.57
N LEU A 200 2.20 30.34 -1.83
CA LEU A 200 1.29 30.86 -2.85
C LEU A 200 -0.16 30.41 -2.60
N TYR A 201 -0.38 29.11 -2.29
CA TYR A 201 -1.75 28.57 -2.17
C TYR A 201 -2.36 28.86 -0.81
N ASP A 202 -1.58 29.37 0.18
CA ASP A 202 -2.19 29.82 1.45
C ASP A 202 -2.58 31.27 1.19
N GLN A 203 -3.67 31.47 0.48
CA GLN A 203 -4.04 32.79 -0.04
C GLN A 203 -4.39 33.84 1.00
N ASP A 204 -5.00 33.44 2.12
CA ASP A 204 -5.31 34.35 3.22
C ASP A 204 -4.12 34.51 4.23
N GLY A 205 -3.03 33.76 4.02
CA GLY A 205 -1.80 33.91 4.79
C GLY A 205 -1.90 33.57 6.25
N ASN A 206 -2.85 32.70 6.63
CA ASN A 206 -3.09 32.29 8.03
C ASN A 206 -2.24 31.08 8.47
N GLY A 207 -1.37 30.57 7.58
CA GLY A 207 -0.42 29.52 7.93
C GLY A 207 -0.80 28.10 7.54
N TYR A 208 -2.02 27.88 7.05
CA TYR A 208 -2.47 26.60 6.65
C TYR A 208 -3.33 26.69 5.40
N ILE A 209 -3.47 25.57 4.73
CA ILE A 209 -4.31 25.48 3.52
C ILE A 209 -5.62 24.81 3.94
N ASP A 210 -6.75 25.50 3.66
CA ASP A 210 -8.08 24.97 3.93
C ASP A 210 -8.63 24.36 2.64
N GLU A 211 -9.81 23.78 2.71
CA GLU A 211 -10.42 23.09 1.57
C GLU A 211 -10.61 23.95 0.32
N ASN A 212 -11.00 25.24 0.48
CA ASN A 212 -11.19 26.15 -0.67
C ASN A 212 -9.86 26.45 -1.32
N GLU A 213 -8.85 26.70 -0.48
CA GLU A 213 -7.50 26.90 -0.98
C GLU A 213 -6.93 25.62 -1.63
N LEU A 214 -7.24 24.43 -1.09
CA LEU A 214 -6.75 23.18 -1.69
C LEU A 214 -7.39 22.99 -3.10
N ASP A 215 -8.65 23.35 -3.21
CA ASP A 215 -9.35 23.20 -4.49
C ASP A 215 -8.65 24.03 -5.58
N ALA A 216 -8.25 25.27 -5.27
CA ALA A 216 -7.55 26.10 -6.24
C ALA A 216 -6.22 25.45 -6.60
N LEU A 217 -5.53 24.91 -5.59
CA LEU A 217 -4.25 24.23 -5.81
C LEU A 217 -4.41 23.04 -6.75
N LEU A 218 -5.41 22.20 -6.49
CA LEU A 218 -5.64 20.99 -7.25
C LEU A 218 -6.04 21.31 -8.67
N LYS A 219 -6.83 22.37 -8.88
CA LYS A 219 -7.18 22.77 -10.26
C LYS A 219 -5.91 23.15 -11.04
N ASP A 220 -5.02 23.95 -10.43
CA ASP A 220 -3.75 24.32 -11.05
C ASP A 220 -2.83 23.13 -11.31
N LEU A 221 -2.79 22.15 -10.40
CA LEU A 221 -1.96 20.96 -10.61
C LEU A 221 -2.48 20.12 -11.78
N CYS A 222 -3.81 20.00 -11.92
CA CYS A 222 -4.48 19.27 -13.02
C CYS A 222 -4.12 19.88 -14.36
N GLU A 223 -4.15 21.21 -14.43
CA GLU A 223 -3.87 21.98 -15.66
C GLU A 223 -2.46 21.75 -16.18
N LYS A 224 -1.45 21.74 -15.27
CA LYS A 224 -0.04 21.54 -15.62
C LYS A 224 0.38 20.06 -15.75
N ASN A 225 -0.50 19.10 -15.36
CA ASN A 225 -0.22 17.66 -15.42
C ASN A 225 -1.42 16.91 -16.00
N LYS A 226 -1.77 17.28 -17.26
CA LYS A 226 -2.90 16.70 -18.02
C LYS A 226 -2.78 15.19 -18.24
N GLN A 227 -1.57 14.70 -18.48
CA GLN A 227 -1.35 13.27 -18.71
C GLN A 227 -1.55 12.45 -17.43
N ASP A 228 -1.16 13.02 -16.27
CA ASP A 228 -1.22 12.34 -14.96
C ASP A 228 -2.56 12.50 -14.21
N LEU A 229 -3.05 13.74 -14.03
CA LEU A 229 -4.29 14.01 -13.27
C LEU A 229 -5.50 14.28 -14.16
N ASP A 230 -6.69 14.21 -13.55
CA ASP A 230 -7.99 14.38 -14.22
C ASP A 230 -8.90 15.32 -13.41
N ILE A 231 -9.19 16.53 -13.95
CA ILE A 231 -10.07 17.53 -13.30
C ILE A 231 -11.45 17.00 -12.86
N ASN A 232 -11.94 15.89 -13.47
CA ASN A 232 -13.21 15.28 -13.11
C ASN A 232 -13.12 14.46 -11.81
N ASN A 233 -11.88 14.16 -11.33
CA ASN A 233 -11.65 13.44 -10.07
C ASN A 233 -11.16 14.40 -8.97
N ILE A 234 -11.19 15.74 -9.20
CA ILE A 234 -10.79 16.72 -8.17
C ILE A 234 -11.49 16.49 -6.84
N THR A 235 -12.81 16.24 -6.86
CA THR A 235 -13.59 16.04 -5.64
C THR A 235 -13.06 14.86 -4.82
N THR A 236 -12.58 13.81 -5.50
CA THR A 236 -12.02 12.65 -4.83
C THR A 236 -10.64 13.00 -4.25
N TYR A 237 -9.80 13.70 -5.04
CA TYR A 237 -8.47 14.13 -4.62
C TYR A 237 -8.61 15.01 -3.37
N LYS A 238 -9.54 15.97 -3.43
CA LYS A 238 -9.81 16.91 -2.33
C LYS A 238 -10.21 16.15 -1.08
N LYS A 239 -11.18 15.22 -1.18
CA LYS A 239 -11.64 14.41 -0.05
C LYS A 239 -10.50 13.55 0.54
N ASN A 240 -9.65 12.94 -0.30
CA ASN A 240 -8.55 12.10 0.19
C ASN A 240 -7.51 12.90 0.92
N ILE A 241 -7.12 14.03 0.36
CA ILE A 241 -6.11 14.90 0.95
C ILE A 241 -6.64 15.54 2.25
N MET A 242 -7.92 16.00 2.29
CA MET A 242 -8.46 16.58 3.51
C MET A 242 -8.46 15.59 4.68
N ALA A 243 -8.45 14.26 4.42
CA ALA A 243 -8.37 13.28 5.51
C ALA A 243 -7.01 13.27 6.25
N LEU A 244 -5.93 13.84 5.64
CA LEU A 244 -4.63 14.01 6.31
C LEU A 244 -4.57 15.27 7.14
N SER A 245 -5.59 16.15 7.03
CA SER A 245 -5.58 17.44 7.69
C SER A 245 -5.84 17.37 9.17
N ASP A 246 -5.42 18.43 9.85
CA ASP A 246 -5.63 18.60 11.28
C ASP A 246 -6.95 19.37 11.37
N GLY A 247 -8.07 18.65 11.49
CA GLY A 247 -9.40 19.26 11.55
C GLY A 247 -9.67 20.26 10.43
N GLY A 248 -9.38 19.88 9.20
CA GLY A 248 -9.61 20.75 8.03
C GLY A 248 -8.49 21.70 7.69
N LYS A 249 -7.39 21.63 8.44
CA LYS A 249 -6.21 22.50 8.26
C LYS A 249 -5.03 21.69 7.76
N LEU A 250 -4.55 22.01 6.57
CA LEU A 250 -3.38 21.36 6.03
C LEU A 250 -2.21 22.26 6.29
N TYR A 251 -1.36 21.85 7.23
CA TYR A 251 -0.13 22.55 7.43
C TYR A 251 0.91 22.09 6.41
N ARG A 252 2.01 22.75 6.32
CA ARG A 252 3.08 22.48 5.40
C ARG A 252 3.52 21.01 5.46
N THR A 253 3.74 20.49 6.67
CA THR A 253 4.16 19.08 6.75
C THR A 253 3.07 18.11 6.32
N ASP A 254 1.78 18.48 6.43
CA ASP A 254 0.66 17.60 6.00
C ASP A 254 0.60 17.56 4.47
N LEU A 255 0.64 18.70 3.82
CA LEU A 255 0.64 18.69 2.36
C LEU A 255 1.96 18.16 1.73
N ALA A 256 3.06 18.26 2.45
CA ALA A 256 4.32 17.73 1.98
C ALA A 256 4.23 16.21 1.80
N LEU A 257 3.42 15.53 2.59
CA LEU A 257 3.24 14.08 2.45
C LEU A 257 2.80 13.70 1.00
N ILE A 258 1.97 14.57 0.37
CA ILE A 258 1.42 14.36 -0.97
C ILE A 258 2.34 14.93 -2.04
N LEU A 259 2.87 16.17 -1.84
CA LEU A 259 3.58 16.90 -2.88
C LEU A 259 5.06 17.02 -2.75
N CYS A 260 5.65 16.76 -1.58
CA CYS A 260 7.09 16.94 -1.37
C CYS A 260 7.85 15.63 -1.48
N ALA A 261 8.94 15.64 -2.27
CA ALA A 261 9.80 14.46 -2.49
C ALA A 261 10.82 14.30 -1.36
#